data_7K9I
#
_entry.id   7K9I
#
_cell.length_a   1.00
_cell.length_b   1.00
_cell.length_c   1.00
_cell.angle_alpha   90.00
_cell.angle_beta   90.00
_cell.angle_gamma   90.00
#
_symmetry.space_group_name_H-M   'P 1'
#
loop_
_entity.id
_entity.type
_entity.pdbx_description
1 polymer 'Spike protein S1'
2 polymer '2B04 heavy chain'
3 polymer '2B04 light chain'
4 non-polymer 2-acetamido-2-deoxy-beta-D-glucopyranose
#
loop_
_entity_poly.entity_id
_entity_poly.type
_entity_poly.pdbx_seq_one_letter_code
_entity_poly.pdbx_strand_id
1 'polypeptide(L)'
;TNLCPFGEVFNATRFASVYAWNRKRISNCVADYSVLYNSASFSTFKCYGVSPTKLNDLCFTNVYADSFVIRGDEVRQIAP
GQTGKIADYNYKLPDDFTGCVIAWNSNNLDSKVGGNYNYLYRLFRKSNLKPFERDISTEIYQAGSTPCNGVEGFNCYFPL
QSYGFQPTNGVGYQPYRVVVLSFELLHAPATVCGP
;
A
2 'polypeptide(L)'
;QVQLKQSGPGLVAPSQSLSITCTVSGFSLINYAISWVRQPPGKGLEWLGVIWTGGGTNYNSALKSRLSISKDNSKSQVFL
KMNSLQTDDTARYYCARKDYYGRYYGMDYWGQGTSVTVS
;
H
3 'polypeptide(L)'
;QAVVTQESALTTSPGETVTLTCRSSTGAVTTSNYANWVQEKPDHLFTGLIGGTNNRAPGVPARFSGSLIGDKAALTITGA
QTEDEAIYFCALWYNNHWVFGGGTKLTVL
;
L
#
loop_
_chem_comp.id
_chem_comp.type
_chem_comp.name
_chem_comp.formula
NAG D-saccharide, beta linking 2-acetamido-2-deoxy-beta-D-glucopyranose 'C8 H15 N O6'
#
# COMPACT_ATOMS: atom_id res chain seq x y z
N THR A 1 2.81 33.67 -36.37
CA THR A 1 3.38 32.65 -35.51
C THR A 1 2.70 32.64 -34.14
N ASN A 2 1.96 31.56 -33.88
CA ASN A 2 1.14 31.45 -32.69
C ASN A 2 1.99 31.25 -31.44
N LEU A 3 1.40 31.58 -30.29
CA LEU A 3 2.07 31.38 -29.01
C LEU A 3 2.17 29.89 -28.68
N CYS A 4 3.23 29.54 -27.94
CA CYS A 4 3.43 28.16 -27.56
C CYS A 4 2.43 27.74 -26.49
N PRO A 5 2.06 26.45 -26.45
CA PRO A 5 1.01 25.96 -25.54
C PRO A 5 1.51 25.68 -24.13
N PHE A 6 2.19 26.66 -23.53
CA PHE A 6 2.68 26.48 -22.18
C PHE A 6 1.53 26.45 -21.18
N GLY A 7 0.45 27.19 -21.45
CA GLY A 7 -0.66 27.24 -20.53
C GLY A 7 -1.25 25.87 -20.26
N GLU A 8 -1.38 25.07 -21.31
CA GLU A 8 -1.87 23.71 -21.13
C GLU A 8 -0.94 22.90 -20.24
N VAL A 9 0.37 23.01 -20.48
CA VAL A 9 1.31 22.18 -19.73
C VAL A 9 1.32 22.57 -18.25
N PHE A 10 1.35 23.86 -17.95
CA PHE A 10 1.49 24.30 -16.57
C PHE A 10 0.17 24.44 -15.83
N ASN A 11 -0.96 24.52 -16.53
CA ASN A 11 -2.25 24.65 -15.87
C ASN A 11 -3.16 23.46 -16.13
N ALA A 12 -2.59 22.31 -16.48
CA ALA A 12 -3.40 21.12 -16.67
C ALA A 12 -4.08 20.73 -15.37
N THR A 13 -5.29 20.17 -15.48
CA THR A 13 -6.07 19.84 -14.31
C THR A 13 -5.42 18.71 -13.51
N ARG A 14 -5.28 17.54 -14.13
CA ARG A 14 -4.75 16.36 -13.48
C ARG A 14 -3.41 16.00 -14.09
N PHE A 15 -2.38 15.92 -13.26
CA PHE A 15 -1.04 15.55 -13.70
C PHE A 15 -0.89 14.03 -13.68
N ALA A 16 0.11 13.55 -14.40
CA ALA A 16 0.35 12.12 -14.50
C ALA A 16 1.13 11.61 -13.30
N SER A 17 1.09 10.29 -13.12
CA SER A 17 1.87 9.65 -12.07
C SER A 17 3.36 9.68 -12.43
N VAL A 18 4.19 9.31 -11.47
CA VAL A 18 5.63 9.38 -11.69
C VAL A 18 6.07 8.38 -12.76
N TYR A 19 5.64 7.13 -12.62
CA TYR A 19 6.14 6.06 -13.46
C TYR A 19 5.62 6.14 -14.89
N ALA A 20 4.51 6.83 -15.11
CA ALA A 20 3.96 6.98 -16.45
C ALA A 20 3.91 8.45 -16.83
N TRP A 21 5.00 9.17 -16.57
CA TRP A 21 5.05 10.60 -16.83
C TRP A 21 4.76 10.88 -18.29
N ASN A 22 3.88 11.85 -18.53
CA ASN A 22 3.52 12.21 -19.89
C ASN A 22 4.55 13.16 -20.48
N ARG A 23 4.86 12.96 -21.75
CA ARG A 23 5.74 13.84 -22.50
C ARG A 23 4.93 14.59 -23.53
N LYS A 24 5.01 15.91 -23.51
CA LYS A 24 4.36 16.75 -24.52
C LYS A 24 5.43 17.40 -25.38
N ARG A 25 5.42 17.08 -26.67
CA ARG A 25 6.28 17.77 -27.62
C ARG A 25 5.79 19.19 -27.84
N ILE A 26 6.73 20.10 -28.08
CA ILE A 26 6.44 21.47 -28.45
C ILE A 26 7.28 21.81 -29.67
N SER A 27 6.65 22.46 -30.66
CA SER A 27 7.36 22.86 -31.86
C SER A 27 6.55 23.89 -32.63
N ASN A 28 7.25 24.70 -33.42
CA ASN A 28 6.64 25.65 -34.36
C ASN A 28 5.69 26.61 -33.65
N CYS A 29 6.26 27.38 -32.73
CA CYS A 29 5.54 28.46 -32.06
C CYS A 29 6.56 29.43 -31.49
N VAL A 30 6.07 30.56 -31.01
CA VAL A 30 6.91 31.59 -30.41
C VAL A 30 6.85 31.42 -28.90
N ALA A 31 7.96 30.96 -28.32
CA ALA A 31 7.99 30.71 -26.90
C ALA A 31 8.08 32.01 -26.12
N ASP A 32 7.50 32.00 -24.92
CA ASP A 32 7.52 33.14 -24.02
C ASP A 32 7.99 32.68 -22.64
N TYR A 33 9.31 32.60 -22.49
CA TYR A 33 9.88 32.13 -21.23
C TYR A 33 9.79 33.17 -20.14
N SER A 34 9.69 34.44 -20.51
CA SER A 34 9.62 35.50 -19.51
C SER A 34 8.43 35.32 -18.59
N VAL A 35 7.27 34.98 -19.17
CA VAL A 35 6.05 34.83 -18.38
C VAL A 35 6.28 33.86 -17.23
N LEU A 36 6.77 32.67 -17.54
CA LEU A 36 6.91 31.63 -16.50
C LEU A 36 7.88 32.07 -15.43
N TYR A 37 9.05 32.59 -15.82
CA TYR A 37 10.04 32.95 -14.83
C TYR A 37 9.56 34.09 -13.93
N ASN A 38 8.86 35.06 -14.52
CA ASN A 38 8.43 36.22 -13.74
C ASN A 38 7.45 35.84 -12.64
N SER A 39 6.64 34.81 -12.86
CA SER A 39 5.71 34.38 -11.82
C SER A 39 6.46 33.89 -10.59
N ALA A 40 5.83 34.05 -9.43
CA ALA A 40 6.49 33.75 -8.16
C ALA A 40 6.09 32.40 -7.57
N SER A 41 5.10 31.72 -8.14
CA SER A 41 4.61 30.49 -7.52
C SER A 41 5.65 29.38 -7.56
N PHE A 42 6.46 29.33 -8.61
CA PHE A 42 7.38 28.23 -8.82
C PHE A 42 8.44 28.21 -7.73
N SER A 43 8.35 27.24 -6.82
CA SER A 43 9.25 27.18 -5.68
C SER A 43 10.69 26.94 -6.12
N THR A 44 10.91 26.02 -7.06
CA THR A 44 12.24 25.64 -7.49
C THR A 44 12.31 25.75 -9.00
N PHE A 45 13.06 26.73 -9.49
CA PHE A 45 13.31 26.91 -10.91
C PHE A 45 14.80 26.74 -11.11
N LYS A 46 15.21 25.66 -11.79
CA LYS A 46 16.62 25.36 -11.99
C LYS A 46 16.88 25.02 -13.44
N CYS A 47 17.69 25.84 -14.09
CA CYS A 47 18.11 25.61 -15.47
C CYS A 47 19.56 25.14 -15.46
N TYR A 48 19.84 24.05 -16.17
CA TYR A 48 21.14 23.40 -16.06
C TYR A 48 22.08 23.74 -17.21
N GLY A 49 21.68 23.49 -18.44
CA GLY A 49 22.57 23.76 -19.55
C GLY A 49 22.66 25.20 -19.98
N VAL A 50 21.71 26.03 -19.54
CA VAL A 50 21.58 27.41 -20.00
C VAL A 50 21.32 28.31 -18.79
N SER A 51 21.26 29.60 -19.04
CA SER A 51 20.88 30.53 -17.99
C SER A 51 19.46 31.01 -18.20
N PRO A 52 18.70 31.19 -17.12
CA PRO A 52 17.27 31.54 -17.27
C PRO A 52 17.03 32.83 -18.01
N THR A 53 17.91 33.82 -17.89
CA THR A 53 17.69 35.08 -18.58
C THR A 53 18.00 34.98 -20.07
N LYS A 54 18.91 34.09 -20.46
CA LYS A 54 19.24 33.93 -21.87
C LYS A 54 18.08 33.36 -22.68
N LEU A 55 17.16 32.64 -22.04
CA LEU A 55 16.16 31.85 -22.76
C LEU A 55 15.34 32.67 -23.75
N ASN A 56 15.15 33.96 -23.50
CA ASN A 56 14.30 34.75 -24.36
C ASN A 56 14.84 34.90 -25.77
N ASP A 57 16.11 34.58 -26.00
CA ASP A 57 16.72 34.81 -27.31
C ASP A 57 17.15 33.56 -28.03
N LEU A 58 17.39 32.46 -27.32
CA LEU A 58 17.85 31.25 -27.95
C LEU A 58 16.76 30.64 -28.84
N CYS A 59 17.19 29.97 -29.90
CA CYS A 59 16.29 29.27 -30.81
C CYS A 59 16.66 27.80 -30.83
N PHE A 60 15.68 26.94 -30.60
CA PHE A 60 15.89 25.51 -30.47
C PHE A 60 15.21 24.75 -31.60
N THR A 61 15.54 23.46 -31.68
CA THR A 61 14.91 22.57 -32.65
C THR A 61 13.50 22.20 -32.20
N ASN A 62 13.39 21.53 -31.06
CA ASN A 62 12.10 21.31 -30.40
C ASN A 62 12.38 20.97 -28.95
N VAL A 63 11.34 21.10 -28.12
CA VAL A 63 11.48 20.98 -26.68
C VAL A 63 10.39 20.06 -26.16
N TYR A 64 10.73 19.27 -25.14
CA TYR A 64 9.79 18.37 -24.49
C TYR A 64 9.47 18.87 -23.10
N ALA A 65 8.17 18.92 -22.77
CA ALA A 65 7.71 19.24 -21.44
C ALA A 65 7.16 17.98 -20.77
N ASP A 66 7.86 17.47 -19.77
CA ASP A 66 7.37 16.36 -18.96
C ASP A 66 6.61 16.89 -17.76
N SER A 67 5.76 16.04 -17.19
CA SER A 67 5.05 16.41 -15.98
C SER A 67 4.77 15.17 -15.14
N PHE A 68 4.82 15.36 -13.82
CA PHE A 68 4.48 14.33 -12.86
C PHE A 68 4.36 14.97 -11.49
N VAL A 69 3.81 14.22 -10.54
CA VAL A 69 3.67 14.66 -9.17
C VAL A 69 4.54 13.77 -8.29
N ILE A 70 5.46 14.37 -7.54
CA ILE A 70 6.33 13.65 -6.64
C ILE A 70 6.27 14.29 -5.27
N ARG A 71 6.84 13.60 -4.29
CA ARG A 71 6.87 14.09 -2.93
C ARG A 71 7.89 15.22 -2.81
N GLY A 72 7.68 16.09 -1.83
CA GLY A 72 8.52 17.28 -1.70
C GLY A 72 9.98 16.95 -1.46
N ASP A 73 10.24 15.95 -0.62
CA ASP A 73 11.63 15.62 -0.27
C ASP A 73 12.42 15.07 -1.45
N GLU A 74 11.75 14.46 -2.42
CA GLU A 74 12.45 13.79 -3.51
C GLU A 74 12.73 14.69 -4.71
N VAL A 75 12.43 15.99 -4.60
CA VAL A 75 12.63 16.89 -5.74
C VAL A 75 14.09 16.93 -6.16
N ARG A 76 15.01 16.80 -5.21
CA ARG A 76 16.43 16.90 -5.53
C ARG A 76 16.84 15.85 -6.55
N GLN A 77 16.32 14.62 -6.41
CA GLN A 77 16.73 13.54 -7.30
C GLN A 77 16.42 13.83 -8.77
N ILE A 78 15.61 14.84 -9.06
CA ILE A 78 15.33 15.22 -10.45
C ILE A 78 16.43 16.19 -10.83
N ALA A 79 17.57 15.64 -11.23
CA ALA A 79 18.75 16.40 -11.60
C ALA A 79 19.78 15.44 -12.17
N PRO A 80 20.71 15.92 -12.98
CA PRO A 80 21.71 15.02 -13.58
C PRO A 80 22.69 14.53 -12.54
N GLY A 81 22.82 13.20 -12.45
CA GLY A 81 23.89 12.60 -11.68
C GLY A 81 23.56 12.21 -10.25
N GLN A 82 22.31 12.29 -9.84
CA GLN A 82 21.91 11.84 -8.51
C GLN A 82 21.11 10.55 -8.59
N THR A 83 20.87 9.96 -7.41
CA THR A 83 20.24 8.66 -7.30
C THR A 83 19.13 8.73 -6.25
N GLY A 84 18.48 7.60 -6.06
CA GLY A 84 17.32 7.47 -5.21
C GLY A 84 16.32 6.54 -5.86
N LYS A 85 15.11 6.49 -5.31
CA LYS A 85 14.09 5.67 -5.94
C LYS A 85 13.63 6.29 -7.26
N ILE A 86 13.44 7.61 -7.27
CA ILE A 86 12.92 8.29 -8.45
C ILE A 86 13.93 8.24 -9.59
N ALA A 87 15.21 8.50 -9.29
CA ALA A 87 16.20 8.52 -10.35
C ALA A 87 16.44 7.12 -10.89
N ASP A 88 16.61 6.15 -10.00
CA ASP A 88 16.97 4.81 -10.45
C ASP A 88 15.81 4.13 -11.16
N TYR A 89 14.61 4.18 -10.59
CA TYR A 89 13.53 3.36 -11.09
C TYR A 89 12.42 4.10 -11.80
N ASN A 90 12.36 5.42 -11.73
CA ASN A 90 11.20 6.13 -12.27
C ASN A 90 11.53 7.06 -13.42
N TYR A 91 12.47 7.98 -13.24
CA TYR A 91 12.69 9.03 -14.23
C TYR A 91 14.14 9.50 -14.11
N LYS A 92 14.97 9.07 -15.04
CA LYS A 92 16.39 9.37 -15.01
C LYS A 92 16.72 10.44 -16.05
N LEU A 93 17.35 11.52 -15.60
CA LEU A 93 17.84 12.58 -16.45
C LEU A 93 19.26 12.29 -16.90
N PRO A 94 19.55 12.33 -18.20
CA PRO A 94 20.89 11.98 -18.65
C PRO A 94 21.90 13.00 -18.18
N ASP A 95 23.15 12.53 -18.01
CA ASP A 95 24.23 13.45 -17.76
C ASP A 95 24.41 14.37 -18.96
N ASP A 96 24.99 15.55 -18.71
CA ASP A 96 25.05 16.61 -19.70
C ASP A 96 23.64 17.01 -20.15
N PHE A 97 22.71 17.01 -19.20
CA PHE A 97 21.36 17.45 -19.47
C PHE A 97 21.33 18.93 -19.78
N THR A 98 20.40 19.34 -20.63
CA THR A 98 20.32 20.72 -21.12
C THR A 98 18.86 21.17 -21.12
N GLY A 99 18.47 21.88 -20.08
CA GLY A 99 17.10 22.32 -19.95
C GLY A 99 16.86 22.95 -18.60
N CYS A 100 15.60 22.93 -18.18
CA CYS A 100 15.17 23.63 -16.98
C CYS A 100 14.22 22.73 -16.20
N VAL A 101 14.39 22.71 -14.88
CA VAL A 101 13.53 21.95 -13.99
C VAL A 101 12.67 22.93 -13.20
N ILE A 102 11.36 22.72 -13.24
CA ILE A 102 10.40 23.62 -12.61
C ILE A 102 9.51 22.80 -11.67
N ALA A 103 9.39 23.25 -10.43
CA ALA A 103 8.59 22.56 -9.45
C ALA A 103 7.88 23.56 -8.55
N TRP A 104 6.68 23.20 -8.10
CA TRP A 104 5.98 24.03 -7.14
C TRP A 104 5.04 23.17 -6.31
N ASN A 105 4.83 23.60 -5.06
CA ASN A 105 3.93 22.88 -4.17
C ASN A 105 2.49 22.96 -4.66
N SER A 106 1.76 21.86 -4.51
CA SER A 106 0.40 21.76 -5.00
C SER A 106 -0.54 21.18 -3.94
N ASN A 107 -0.26 21.45 -2.67
CA ASN A 107 -1.01 20.80 -1.60
C ASN A 107 -2.50 21.13 -1.63
N ASN A 108 -2.90 22.20 -2.31
CA ASN A 108 -4.30 22.58 -2.36
C ASN A 108 -5.05 21.92 -3.50
N LEU A 109 -4.37 21.13 -4.32
CA LEU A 109 -5.01 20.41 -5.42
C LEU A 109 -4.91 18.90 -5.27
N ASP A 110 -3.71 18.39 -5.06
CA ASP A 110 -3.46 16.96 -5.09
C ASP A 110 -3.63 16.28 -3.75
N SER A 111 -4.02 17.00 -2.71
CA SER A 111 -4.21 16.42 -1.40
C SER A 111 -5.60 16.76 -0.89
N LYS A 112 -6.36 15.75 -0.51
CA LYS A 112 -7.71 15.92 0.00
C LYS A 112 -7.84 15.22 1.34
N VAL A 113 -8.77 15.71 2.16
CA VAL A 113 -8.99 15.12 3.47
C VAL A 113 -9.34 13.65 3.31
N GLY A 114 -8.80 12.83 4.20
CA GLY A 114 -8.83 11.40 4.03
C GLY A 114 -7.69 10.86 3.20
N GLY A 115 -6.88 11.73 2.61
CA GLY A 115 -5.72 11.31 1.85
C GLY A 115 -6.02 11.09 0.39
N ASN A 116 -5.03 11.39 -0.44
CA ASN A 116 -5.10 11.14 -1.87
C ASN A 116 -4.06 10.08 -2.21
N TYR A 117 -4.52 8.97 -2.78
CA TYR A 117 -3.65 7.83 -3.02
C TYR A 117 -3.64 7.41 -4.48
N ASN A 118 -3.90 8.35 -5.38
CA ASN A 118 -3.99 8.02 -6.80
C ASN A 118 -2.69 8.24 -7.55
N TYR A 119 -1.64 8.72 -6.90
CA TYR A 119 -0.37 8.96 -7.55
C TYR A 119 0.60 7.84 -7.18
N LEU A 120 1.09 7.13 -8.18
CA LEU A 120 1.82 5.90 -7.99
C LEU A 120 3.26 6.07 -8.45
N TYR A 121 4.18 5.36 -7.81
CA TYR A 121 5.57 5.36 -8.24
C TYR A 121 6.10 3.94 -8.20
N ARG A 122 7.09 3.67 -9.06
CA ARG A 122 7.71 2.35 -9.13
C ARG A 122 8.77 2.22 -8.06
N LEU A 123 8.69 1.13 -7.29
CA LEU A 123 9.53 0.96 -6.11
C LEU A 123 10.59 -0.12 -6.27
N PHE A 124 10.24 -1.27 -6.84
CA PHE A 124 11.17 -2.37 -7.05
C PHE A 124 11.40 -2.53 -8.54
N ARG A 125 12.66 -2.50 -8.96
CA ARG A 125 13.01 -2.72 -10.35
C ARG A 125 14.27 -3.54 -10.45
N LYS A 126 14.36 -4.33 -11.52
CA LYS A 126 15.52 -5.19 -11.73
C LYS A 126 16.78 -4.37 -11.91
N SER A 127 16.70 -3.28 -12.67
CA SER A 127 17.87 -2.46 -12.99
C SER A 127 17.43 -1.04 -13.24
N ASN A 128 18.39 -0.12 -13.16
CA ASN A 128 18.11 1.28 -13.36
C ASN A 128 17.62 1.54 -14.79
N LEU A 129 17.06 2.73 -14.99
CA LEU A 129 16.57 3.13 -16.30
C LEU A 129 17.67 3.79 -17.11
N LYS A 130 17.58 3.63 -18.42
CA LYS A 130 18.32 4.48 -19.33
C LYS A 130 17.69 5.87 -19.32
N PRO A 131 18.43 6.89 -19.74
CA PRO A 131 17.88 8.25 -19.74
C PRO A 131 16.57 8.34 -20.50
N PHE A 132 15.58 9.00 -19.87
CA PHE A 132 14.27 9.23 -20.46
C PHE A 132 13.55 7.93 -20.81
N GLU A 133 13.86 6.85 -20.09
CA GLU A 133 13.08 5.63 -20.24
C GLU A 133 11.76 5.76 -19.48
N ARG A 134 10.75 5.04 -19.96
CA ARG A 134 9.37 5.21 -19.51
C ARG A 134 8.71 3.86 -19.25
N ASP A 135 9.39 3.00 -18.50
CA ASP A 135 8.90 1.63 -18.31
C ASP A 135 7.60 1.65 -17.52
N ILE A 136 6.50 1.33 -18.20
CA ILE A 136 5.18 1.31 -17.58
C ILE A 136 4.76 -0.10 -17.19
N SER A 137 5.62 -1.09 -17.40
CA SER A 137 5.25 -2.48 -17.14
C SER A 137 5.03 -2.72 -15.65
N THR A 138 4.12 -3.65 -15.35
CA THR A 138 3.78 -4.03 -13.99
C THR A 138 4.18 -5.49 -13.73
N GLU A 139 5.37 -5.88 -14.18
CA GLU A 139 5.84 -7.24 -13.95
C GLU A 139 6.03 -7.50 -12.47
N ILE A 140 5.56 -8.66 -12.01
CA ILE A 140 5.64 -9.01 -10.60
C ILE A 140 7.11 -9.16 -10.21
N TYR A 141 7.54 -8.38 -9.23
CA TYR A 141 8.92 -8.42 -8.78
C TYR A 141 9.20 -9.76 -8.10
N GLN A 142 10.45 -9.94 -7.68
CA GLN A 142 10.85 -11.13 -6.93
C GLN A 142 12.04 -10.75 -6.05
N ALA A 143 11.78 -10.47 -4.78
CA ALA A 143 12.82 -10.16 -3.83
C ALA A 143 13.33 -11.39 -3.10
N GLY A 144 12.72 -12.56 -3.32
CA GLY A 144 13.16 -13.79 -2.71
C GLY A 144 13.91 -14.67 -3.70
N SER A 145 14.70 -15.59 -3.16
CA SER A 145 15.48 -16.49 -4.01
C SER A 145 14.58 -17.38 -4.84
N THR A 146 13.46 -17.81 -4.27
CA THR A 146 12.53 -18.66 -5.01
C THR A 146 11.94 -17.89 -6.19
N PRO A 147 11.69 -18.56 -7.30
CA PRO A 147 11.04 -17.90 -8.44
C PRO A 147 9.58 -17.58 -8.11
N CYS A 148 9.19 -16.34 -8.39
CA CYS A 148 7.83 -15.91 -8.07
C CYS A 148 6.81 -16.49 -9.04
N ASN A 149 7.13 -16.49 -10.34
CA ASN A 149 6.28 -17.09 -11.36
C ASN A 149 4.87 -16.50 -11.36
N GLY A 150 4.79 -15.19 -11.17
CA GLY A 150 3.54 -14.48 -11.34
C GLY A 150 2.52 -14.63 -10.24
N VAL A 151 2.89 -15.23 -9.11
CA VAL A 151 2.00 -15.36 -7.96
C VAL A 151 2.52 -14.44 -6.87
N GLU A 152 1.65 -13.54 -6.40
CA GLU A 152 2.06 -12.50 -5.46
C GLU A 152 2.09 -13.07 -4.06
N GLY A 153 3.19 -13.76 -3.74
CA GLY A 153 3.41 -14.27 -2.41
C GLY A 153 3.93 -13.20 -1.48
N PHE A 154 4.50 -13.64 -0.36
CA PHE A 154 5.06 -12.70 0.60
C PHE A 154 6.38 -12.10 0.15
N ASN A 155 6.94 -12.58 -0.95
CA ASN A 155 8.17 -12.00 -1.50
C ASN A 155 8.03 -11.87 -3.02
N CYS A 156 6.85 -11.44 -3.46
CA CYS A 156 6.53 -11.27 -4.87
C CYS A 156 5.80 -9.94 -5.06
N TYR A 157 6.39 -8.88 -4.53
CA TYR A 157 5.71 -7.60 -4.42
C TYR A 157 5.30 -7.05 -5.77
N PHE A 158 4.11 -6.45 -5.81
CA PHE A 158 3.73 -5.59 -6.91
C PHE A 158 4.67 -4.39 -6.93
N PRO A 159 5.20 -4.00 -8.09
CA PRO A 159 6.28 -3.00 -8.12
C PRO A 159 5.82 -1.55 -8.07
N LEU A 160 4.56 -1.26 -7.79
CA LEU A 160 4.08 0.11 -7.70
C LEU A 160 3.56 0.40 -6.31
N GLN A 161 3.83 1.62 -5.84
CA GLN A 161 3.31 2.08 -4.56
C GLN A 161 2.68 3.45 -4.74
N SER A 162 1.65 3.71 -3.96
CA SER A 162 0.91 4.96 -4.06
C SER A 162 1.32 5.90 -2.94
N TYR A 163 1.59 7.14 -3.28
CA TYR A 163 1.89 8.15 -2.28
C TYR A 163 0.69 8.41 -1.39
N GLY A 164 0.95 8.69 -0.12
CA GLY A 164 -0.09 9.09 0.79
C GLY A 164 -0.03 10.58 1.06
N PHE A 165 -0.96 11.33 0.49
CA PHE A 165 -0.98 12.78 0.59
C PHE A 165 -2.11 13.20 1.52
N GLN A 166 -1.78 13.35 2.80
CA GLN A 166 -2.71 13.91 3.77
C GLN A 166 -2.78 15.42 3.61
N PRO A 167 -3.92 16.03 3.90
CA PRO A 167 -4.01 17.49 3.79
C PRO A 167 -3.13 18.22 4.78
N THR A 168 -2.68 17.56 5.86
CA THR A 168 -1.89 18.18 6.89
C THR A 168 -0.50 17.57 7.03
N ASN A 169 -0.01 16.92 5.99
CA ASN A 169 1.33 16.36 6.05
C ASN A 169 2.39 17.46 6.07
N GLY A 170 3.58 17.10 6.52
CA GLY A 170 4.67 18.05 6.55
C GLY A 170 5.04 18.53 5.15
N VAL A 171 5.76 19.65 5.11
CA VAL A 171 6.16 20.22 3.83
C VAL A 171 7.01 19.23 3.06
N GLY A 172 7.81 18.43 3.76
CA GLY A 172 8.59 17.40 3.10
C GLY A 172 7.72 16.40 2.34
N TYR A 173 6.56 16.06 2.91
CA TYR A 173 5.68 15.06 2.31
C TYR A 173 4.53 15.66 1.56
N GLN A 174 4.59 16.89 1.24
CA GLN A 174 3.46 17.34 0.44
C GLN A 174 3.76 17.16 -1.04
N PRO A 175 2.73 17.02 -1.88
CA PRO A 175 2.97 16.76 -3.30
C PRO A 175 3.40 18.01 -4.03
N TYR A 176 4.53 17.92 -4.72
CA TYR A 176 5.02 18.99 -5.59
C TYR A 176 4.90 18.54 -7.03
N ARG A 177 4.16 19.30 -7.83
CA ARG A 177 4.16 19.07 -9.26
C ARG A 177 5.50 19.47 -9.84
N VAL A 178 5.93 18.76 -10.88
CA VAL A 178 7.21 19.01 -11.51
C VAL A 178 7.00 19.08 -13.02
N VAL A 179 7.62 20.08 -13.65
CA VAL A 179 7.67 20.19 -15.10
C VAL A 179 9.14 20.31 -15.49
N VAL A 180 9.59 19.43 -16.39
CA VAL A 180 10.95 19.48 -16.90
C VAL A 180 10.90 19.85 -18.36
N LEU A 181 11.57 20.95 -18.71
CA LEU A 181 11.71 21.37 -20.10
C LEU A 181 13.09 20.96 -20.58
N SER A 182 13.15 20.20 -21.67
CA SER A 182 14.40 19.72 -22.21
C SER A 182 14.60 20.30 -23.60
N PHE A 183 15.62 21.13 -23.76
CA PHE A 183 15.89 21.79 -25.03
C PHE A 183 16.99 21.00 -25.72
N GLU A 184 16.67 20.36 -26.84
CA GLU A 184 17.72 19.69 -27.62
C GLU A 184 18.18 20.67 -28.68
N LEU A 185 19.26 21.39 -28.38
CA LEU A 185 19.66 22.56 -29.15
C LEU A 185 20.63 22.12 -30.25
N LEU A 186 20.07 21.42 -31.23
CA LEU A 186 20.81 21.10 -32.44
C LEU A 186 20.77 22.29 -33.39
N HIS A 187 21.39 22.13 -34.56
CA HIS A 187 21.33 23.14 -35.60
C HIS A 187 20.42 22.75 -36.75
N ALA A 188 19.55 21.76 -36.53
CA ALA A 188 18.44 21.52 -37.43
C ALA A 188 17.57 22.78 -37.50
N PRO A 189 16.75 22.91 -38.56
CA PRO A 189 15.92 24.12 -38.70
C PRO A 189 15.21 24.53 -37.42
N ALA A 190 15.55 25.70 -36.90
CA ALA A 190 14.98 26.18 -35.66
C ALA A 190 13.47 26.32 -35.79
N THR A 191 12.74 25.84 -34.79
CA THR A 191 11.29 25.92 -34.78
C THR A 191 10.71 26.72 -33.65
N VAL A 192 11.43 26.89 -32.53
CA VAL A 192 10.92 27.60 -31.37
C VAL A 192 11.90 28.71 -31.02
N CYS A 193 11.42 29.95 -31.01
CA CYS A 193 12.24 31.09 -30.67
C CYS A 193 11.48 32.00 -29.70
N GLY A 194 12.23 32.93 -29.12
CA GLY A 194 11.66 33.96 -28.27
C GLY A 194 11.70 35.28 -28.99
N PRO A 195 10.65 36.10 -28.85
CA PRO A 195 10.49 37.36 -29.59
C PRO A 195 11.72 38.27 -29.56
N GLN B 1 -6.29 8.81 9.98
CA GLN B 1 -6.25 7.60 10.79
C GLN B 1 -6.81 6.41 10.02
N VAL B 2 -6.16 5.25 10.18
CA VAL B 2 -6.56 4.05 9.45
C VAL B 2 -7.83 3.48 10.06
N GLN B 3 -8.75 3.07 9.21
CA GLN B 3 -10.09 2.72 9.67
C GLN B 3 -10.72 1.74 8.67
N LEU B 4 -11.50 0.80 9.19
CA LEU B 4 -12.16 -0.21 8.39
C LEU B 4 -13.64 -0.21 8.69
N LYS B 5 -14.47 -0.14 7.65
CA LYS B 5 -15.93 -0.19 7.74
C LYS B 5 -16.46 -1.27 6.82
N GLN B 6 -17.48 -1.98 7.31
CA GLN B 6 -18.15 -3.00 6.53
C GLN B 6 -19.60 -3.02 6.97
N SER B 7 -20.52 -3.10 6.01
CA SER B 7 -21.91 -2.81 6.32
C SER B 7 -22.84 -3.70 5.50
N GLY B 8 -23.96 -4.07 6.11
CA GLY B 8 -25.01 -4.81 5.46
C GLY B 8 -25.97 -5.41 6.46
N PRO B 9 -27.27 -5.35 6.17
CA PRO B 9 -28.24 -6.09 7.01
C PRO B 9 -27.95 -7.57 7.05
N GLY B 10 -27.51 -8.13 5.92
CA GLY B 10 -26.99 -9.48 5.91
C GLY B 10 -27.98 -10.57 5.58
N LEU B 11 -29.00 -10.74 6.43
CA LEU B 11 -29.80 -11.96 6.50
C LEU B 11 -30.15 -12.53 5.13
N VAL B 12 -30.00 -13.85 5.01
CA VAL B 12 -30.07 -14.56 3.74
C VAL B 12 -31.12 -15.64 3.87
N ALA B 13 -31.66 -16.06 2.71
CA ALA B 13 -32.46 -17.27 2.56
C ALA B 13 -31.60 -18.37 1.96
N PRO B 14 -31.87 -19.63 2.28
CA PRO B 14 -31.03 -20.72 1.76
C PRO B 14 -31.03 -20.76 0.24
N SER B 15 -29.90 -21.18 -0.30
CA SER B 15 -29.66 -21.44 -1.72
C SER B 15 -29.60 -20.18 -2.58
N GLN B 16 -29.58 -18.99 -1.99
CA GLN B 16 -29.29 -17.80 -2.75
C GLN B 16 -27.91 -17.28 -2.35
N SER B 17 -27.50 -16.19 -2.98
CA SER B 17 -26.16 -15.63 -2.82
C SER B 17 -26.24 -14.18 -2.39
N LEU B 18 -25.58 -13.83 -1.29
CA LEU B 18 -25.50 -12.46 -0.83
C LEU B 18 -24.04 -12.07 -0.59
N SER B 19 -23.75 -10.79 -0.78
CA SER B 19 -22.40 -10.27 -0.79
C SER B 19 -22.26 -9.12 0.19
N ILE B 20 -21.06 -8.96 0.71
CA ILE B 20 -20.75 -8.00 1.76
C ILE B 20 -19.63 -7.09 1.27
N THR B 21 -19.63 -5.86 1.77
CA THR B 21 -18.71 -4.83 1.30
C THR B 21 -17.88 -4.26 2.44
N CYS B 22 -16.63 -3.94 2.14
CA CYS B 22 -15.67 -3.42 3.11
C CYS B 22 -15.14 -2.12 2.57
N THR B 23 -15.18 -1.07 3.38
CA THR B 23 -14.82 0.28 2.94
C THR B 23 -13.76 0.82 3.87
N VAL B 24 -12.74 1.44 3.31
CA VAL B 24 -11.48 1.65 4.01
C VAL B 24 -11.07 3.10 3.89
N SER B 25 -10.39 3.60 4.91
CA SER B 25 -9.86 4.94 4.91
C SER B 25 -8.52 4.95 5.63
N GLY B 26 -7.65 5.85 5.22
CA GLY B 26 -6.36 5.99 5.87
C GLY B 26 -5.25 5.13 5.30
N PHE B 27 -5.55 4.25 4.35
CA PHE B 27 -4.51 3.49 3.68
C PHE B 27 -4.96 3.16 2.27
N SER B 28 -3.99 2.94 1.40
CA SER B 28 -4.24 2.71 -0.02
C SER B 28 -4.20 1.21 -0.32
N LEU B 29 -5.13 0.76 -1.15
CA LEU B 29 -5.20 -0.65 -1.47
C LEU B 29 -4.00 -1.14 -2.27
N ILE B 30 -3.16 -0.24 -2.78
CA ILE B 30 -1.98 -0.68 -3.49
C ILE B 30 -0.87 -1.04 -2.52
N ASN B 31 -0.85 -0.42 -1.35
CA ASN B 31 0.22 -0.66 -0.38
C ASN B 31 -0.05 -1.80 0.57
N TYR B 32 -1.25 -2.38 0.57
CA TYR B 32 -1.60 -3.39 1.54
C TYR B 32 -2.41 -4.49 0.87
N ALA B 33 -2.73 -5.52 1.65
CA ALA B 33 -3.59 -6.59 1.21
C ALA B 33 -4.73 -6.75 2.20
N ILE B 34 -5.81 -7.36 1.74
CA ILE B 34 -7.02 -7.49 2.55
C ILE B 34 -7.35 -8.97 2.67
N SER B 35 -7.59 -9.42 3.89
CA SER B 35 -7.92 -10.81 4.16
C SER B 35 -9.25 -10.86 4.86
N TRP B 36 -10.00 -11.94 4.63
CA TRP B 36 -11.32 -12.09 5.20
C TRP B 36 -11.38 -13.33 6.06
N VAL B 37 -11.98 -13.19 7.25
CA VAL B 37 -12.14 -14.30 8.17
C VAL B 37 -13.59 -14.35 8.60
N ARG B 38 -14.00 -15.53 9.05
CA ARG B 38 -15.40 -15.86 9.29
C ARG B 38 -15.53 -16.49 10.66
N GLN B 39 -16.53 -16.05 11.41
CA GLN B 39 -16.65 -16.39 12.83
C GLN B 39 -18.06 -16.90 13.13
N PRO B 40 -18.26 -18.22 13.08
CA PRO B 40 -19.54 -18.76 13.52
C PRO B 40 -19.77 -18.47 14.99
N PRO B 41 -21.02 -18.37 15.42
CA PRO B 41 -21.30 -17.89 16.78
C PRO B 41 -20.77 -18.80 17.87
N GLY B 42 -19.75 -18.34 18.58
CA GLY B 42 -19.21 -19.06 19.71
C GLY B 42 -18.09 -20.04 19.40
N LYS B 43 -17.55 -20.03 18.20
CA LYS B 43 -16.49 -20.96 17.80
C LYS B 43 -15.23 -20.20 17.43
N GLY B 44 -14.22 -20.95 16.98
CA GLY B 44 -12.98 -20.34 16.53
C GLY B 44 -13.07 -19.83 15.10
N LEU B 45 -12.36 -18.75 14.83
CA LEU B 45 -12.44 -18.10 13.54
C LEU B 45 -11.58 -18.81 12.51
N GLU B 46 -12.11 -18.91 11.29
CA GLU B 46 -11.42 -19.51 10.16
C GLU B 46 -11.18 -18.47 9.08
N TRP B 47 -10.04 -18.59 8.40
CA TRP B 47 -9.62 -17.66 7.38
C TRP B 47 -10.16 -18.07 6.02
N LEU B 48 -10.78 -17.13 5.32
CA LEU B 48 -11.43 -17.43 4.05
C LEU B 48 -10.48 -17.28 2.87
N GLY B 49 -9.80 -16.15 2.78
CA GLY B 49 -9.05 -15.83 1.58
C GLY B 49 -8.53 -14.41 1.66
N VAL B 50 -7.67 -14.10 0.70
CA VAL B 50 -6.99 -12.80 0.67
C VAL B 50 -6.98 -12.30 -0.76
N ILE B 51 -7.18 -11.00 -0.93
CA ILE B 51 -6.91 -10.34 -2.18
C ILE B 51 -5.61 -9.57 -2.02
N TRP B 52 -4.64 -9.88 -2.87
CA TRP B 52 -3.31 -9.30 -2.73
C TRP B 52 -3.37 -7.84 -3.14
N THR B 53 -2.21 -7.18 -3.17
CA THR B 53 -2.20 -5.73 -3.35
C THR B 53 -2.76 -5.33 -4.70
N GLY B 54 -2.42 -6.05 -5.76
CA GLY B 54 -2.83 -5.63 -7.09
C GLY B 54 -3.60 -6.69 -7.85
N GLY B 55 -4.48 -7.40 -7.16
CA GLY B 55 -5.21 -8.49 -7.77
C GLY B 55 -4.47 -9.81 -7.69
N GLY B 56 -5.23 -10.89 -7.74
CA GLY B 56 -4.70 -12.20 -7.47
C GLY B 56 -5.11 -12.68 -6.09
N THR B 57 -5.70 -13.86 -6.00
CA THR B 57 -6.36 -14.29 -4.79
C THR B 57 -5.81 -15.62 -4.31
N ASN B 58 -5.96 -15.87 -3.02
CA ASN B 58 -5.82 -17.18 -2.44
C ASN B 58 -7.09 -17.48 -1.64
N TYR B 59 -7.40 -18.77 -1.50
CA TYR B 59 -8.61 -19.17 -0.79
C TYR B 59 -8.31 -20.32 0.16
N ASN B 60 -9.18 -20.48 1.16
CA ASN B 60 -9.10 -21.62 2.06
C ASN B 60 -9.29 -22.90 1.27
N SER B 61 -8.45 -23.90 1.54
CA SER B 61 -8.33 -25.08 0.70
C SER B 61 -9.66 -25.82 0.52
N ALA B 62 -10.19 -26.38 1.60
CA ALA B 62 -11.45 -27.12 1.50
C ALA B 62 -12.65 -26.21 1.34
N LEU B 63 -12.49 -24.91 1.60
CA LEU B 63 -13.59 -23.98 1.37
C LEU B 63 -13.94 -23.93 -0.10
N LYS B 64 -15.24 -23.73 -0.38
CA LYS B 64 -15.72 -23.83 -1.75
C LYS B 64 -14.97 -22.86 -2.66
N SER B 65 -14.54 -23.37 -3.81
CA SER B 65 -13.97 -22.50 -4.83
C SER B 65 -15.03 -21.66 -5.52
N ARG B 66 -16.30 -21.94 -5.25
CA ARG B 66 -17.42 -21.18 -5.80
C ARG B 66 -17.65 -19.93 -4.97
N LEU B 67 -16.59 -19.16 -4.75
CA LEU B 67 -16.69 -17.86 -4.10
C LEU B 67 -15.52 -17.02 -4.57
N SER B 68 -15.69 -15.71 -4.51
CA SER B 68 -14.65 -14.83 -5.02
C SER B 68 -14.63 -13.54 -4.21
N ILE B 69 -13.46 -12.93 -4.18
CA ILE B 69 -13.23 -11.65 -3.53
C ILE B 69 -12.71 -10.68 -4.58
N SER B 70 -13.08 -9.41 -4.43
CA SER B 70 -12.83 -8.42 -5.47
C SER B 70 -12.77 -7.05 -4.83
N LYS B 71 -12.20 -6.09 -5.54
CA LYS B 71 -11.91 -4.80 -4.94
C LYS B 71 -11.93 -3.71 -5.99
N ASP B 72 -11.97 -2.46 -5.52
CA ASP B 72 -11.95 -1.27 -6.35
C ASP B 72 -10.96 -0.29 -5.72
N ASN B 73 -9.82 -0.10 -6.37
CA ASN B 73 -8.82 0.83 -5.84
C ASN B 73 -9.32 2.27 -5.87
N SER B 74 -10.19 2.61 -6.83
CA SER B 74 -10.57 4.00 -7.00
C SER B 74 -11.38 4.50 -5.81
N LYS B 75 -12.39 3.76 -5.39
CA LYS B 75 -13.24 4.15 -4.27
C LYS B 75 -12.76 3.59 -2.93
N SER B 76 -11.70 2.78 -2.94
CA SER B 76 -11.21 2.11 -1.74
C SER B 76 -12.30 1.23 -1.12
N GLN B 77 -12.72 0.24 -1.88
CA GLN B 77 -13.76 -0.68 -1.47
C GLN B 77 -13.34 -2.11 -1.80
N VAL B 78 -13.80 -3.05 -0.98
CA VAL B 78 -13.53 -4.47 -1.17
C VAL B 78 -14.85 -5.22 -1.01
N PHE B 79 -15.05 -6.24 -1.84
CA PHE B 79 -16.28 -7.00 -1.86
C PHE B 79 -15.96 -8.48 -1.77
N LEU B 80 -16.66 -9.18 -0.89
CA LEU B 80 -16.62 -10.64 -0.81
C LEU B 80 -17.93 -11.17 -1.37
N LYS B 81 -17.84 -12.17 -2.24
CA LYS B 81 -19.03 -12.77 -2.82
C LYS B 81 -18.98 -14.28 -2.68
N MET B 82 -20.07 -14.85 -2.18
CA MET B 82 -20.31 -16.28 -2.20
C MET B 82 -21.58 -16.54 -3.02
N ASN B 83 -21.55 -17.57 -3.85
CA ASN B 83 -22.64 -17.81 -4.80
C ASN B 83 -23.66 -18.84 -4.33
N SER B 84 -23.41 -19.54 -3.22
CA SER B 84 -24.40 -20.44 -2.66
C SER B 84 -24.08 -20.64 -1.19
N LEU B 85 -25.11 -20.55 -0.34
CA LEU B 85 -24.93 -20.53 1.10
C LEU B 85 -25.59 -21.74 1.75
N GLN B 86 -24.99 -22.20 2.85
CA GLN B 86 -25.46 -23.34 3.60
C GLN B 86 -25.47 -22.98 5.08
N THR B 87 -26.42 -23.56 5.82
CA THR B 87 -26.79 -23.03 7.13
C THR B 87 -25.65 -23.03 8.13
N ASP B 88 -24.58 -23.80 7.89
CA ASP B 88 -23.40 -23.71 8.73
C ASP B 88 -22.65 -22.41 8.51
N ASP B 89 -22.92 -21.69 7.42
CA ASP B 89 -22.17 -20.48 7.11
C ASP B 89 -22.64 -19.27 7.92
N THR B 90 -23.69 -19.40 8.71
CA THR B 90 -24.16 -18.29 9.52
C THR B 90 -23.07 -17.87 10.51
N ALA B 91 -22.61 -16.63 10.37
CA ALA B 91 -21.42 -16.21 11.08
C ALA B 91 -21.31 -14.69 11.04
N ARG B 92 -20.38 -14.18 11.84
CA ARG B 92 -19.93 -12.81 11.71
C ARG B 92 -18.66 -12.79 10.85
N TYR B 93 -18.62 -11.87 9.89
CA TYR B 93 -17.52 -11.77 8.95
C TYR B 93 -16.76 -10.48 9.19
N TYR B 94 -15.44 -10.53 9.03
CA TYR B 94 -14.59 -9.41 9.37
C TYR B 94 -13.63 -9.12 8.22
N CYS B 95 -13.40 -7.84 7.97
CA CYS B 95 -12.43 -7.39 6.99
C CYS B 95 -11.11 -7.22 7.74
N ALA B 96 -9.99 -7.40 7.05
CA ALA B 96 -8.72 -7.25 7.74
C ALA B 96 -7.62 -6.83 6.78
N ARG B 97 -6.64 -6.09 7.31
CA ARG B 97 -5.57 -5.51 6.54
C ARG B 97 -4.27 -6.24 6.80
N LYS B 98 -3.56 -6.61 5.74
CA LYS B 98 -2.32 -7.36 5.84
C LYS B 98 -1.19 -6.52 5.29
N ASP B 99 -0.21 -6.20 6.12
CA ASP B 99 0.88 -5.31 5.76
C ASP B 99 2.13 -6.15 5.56
N TYR B 100 2.26 -6.71 4.36
CA TYR B 100 3.38 -7.61 4.07
C TYR B 100 4.52 -6.96 3.30
N TYR B 101 4.39 -5.68 2.95
CA TYR B 101 5.52 -4.97 2.35
C TYR B 101 6.57 -4.66 3.40
N GLY B 102 6.15 -4.10 4.53
CA GLY B 102 7.06 -3.60 5.53
C GLY B 102 7.16 -4.46 6.76
N ARG B 103 7.06 -3.83 7.93
CA ARG B 103 7.50 -4.48 9.16
C ARG B 103 6.56 -5.59 9.60
N TYR B 104 5.27 -5.33 9.62
CA TYR B 104 4.34 -6.12 10.44
C TYR B 104 3.66 -7.14 9.52
N TYR B 105 4.28 -8.29 9.35
CA TYR B 105 3.88 -9.24 8.31
C TYR B 105 2.51 -9.85 8.54
N GLY B 106 1.70 -9.49 9.53
CA GLY B 106 0.42 -10.11 9.73
C GLY B 106 -0.74 -9.19 9.50
N MET B 107 -1.88 -9.54 10.08
CA MET B 107 -3.11 -8.75 9.95
C MET B 107 -3.03 -7.55 10.89
N ASP B 108 -2.65 -6.40 10.33
CA ASP B 108 -2.34 -5.23 11.13
C ASP B 108 -3.58 -4.72 11.87
N TYR B 109 -4.66 -4.47 11.14
CA TYR B 109 -5.86 -3.85 11.70
C TYR B 109 -7.08 -4.67 11.30
N TRP B 110 -8.17 -4.48 12.04
CA TRP B 110 -9.34 -5.33 11.88
C TRP B 110 -10.60 -4.48 11.87
N GLY B 111 -11.62 -4.99 11.20
CA GLY B 111 -12.87 -4.29 11.05
C GLY B 111 -13.80 -4.52 12.23
N GLN B 112 -15.00 -3.93 12.11
CA GLN B 112 -16.00 -3.98 13.16
C GLN B 112 -16.89 -5.21 13.10
N GLY B 113 -16.88 -5.96 12.01
CA GLY B 113 -17.62 -7.20 11.94
C GLY B 113 -19.06 -7.06 11.50
N THR B 114 -19.52 -7.95 10.62
CA THR B 114 -20.89 -7.93 10.12
C THR B 114 -21.53 -9.30 10.33
N SER B 115 -22.74 -9.31 10.86
CA SER B 115 -23.50 -10.54 11.01
C SER B 115 -24.09 -10.96 9.67
N VAL B 116 -23.86 -12.22 9.30
CA VAL B 116 -24.51 -12.81 8.13
C VAL B 116 -25.14 -14.12 8.58
N THR B 117 -26.47 -14.17 8.56
CA THR B 117 -27.20 -15.36 9.00
C THR B 117 -28.14 -15.78 7.89
N VAL B 118 -28.14 -17.05 7.57
CA VAL B 118 -29.07 -17.62 6.60
C VAL B 118 -30.23 -18.24 7.35
N SER B 119 -31.45 -17.90 6.94
CA SER B 119 -32.67 -18.25 7.67
C SER B 119 -32.59 -17.80 9.12
N GLN C 1 -3.03 -30.82 6.03
CA GLN C 1 -1.92 -30.47 6.89
C GLN C 1 -2.25 -29.12 7.51
N ALA C 2 -3.38 -29.06 8.20
CA ALA C 2 -3.96 -27.80 8.62
C ALA C 2 -4.19 -27.63 10.12
N VAL C 3 -3.95 -28.65 10.93
CA VAL C 3 -4.38 -28.64 12.32
C VAL C 3 -3.41 -27.82 13.15
N VAL C 4 -3.94 -26.84 13.89
CA VAL C 4 -3.18 -26.05 14.85
C VAL C 4 -3.97 -26.03 16.14
N THR C 5 -3.29 -26.23 17.28
CA THR C 5 -3.94 -26.40 18.56
C THR C 5 -3.38 -25.45 19.62
N GLN C 6 -4.25 -25.05 20.56
CA GLN C 6 -3.86 -24.25 21.72
C GLN C 6 -4.46 -24.85 22.99
N GLU C 7 -3.84 -24.52 24.12
CA GLU C 7 -4.33 -24.98 25.42
C GLU C 7 -5.75 -24.49 25.70
N SER C 8 -5.97 -23.18 25.54
CA SER C 8 -7.28 -22.53 25.68
C SER C 8 -7.68 -22.32 27.13
N ALA C 9 -6.73 -22.37 28.07
CA ALA C 9 -7.01 -22.13 29.47
C ALA C 9 -5.81 -21.42 30.09
N LEU C 10 -6.05 -20.26 30.70
CA LEU C 10 -4.97 -19.43 31.22
C LEU C 10 -5.45 -18.56 32.37
N THR C 11 -4.52 -18.25 33.28
CA THR C 11 -4.77 -17.34 34.40
C THR C 11 -3.44 -16.80 34.91
N THR C 12 -3.29 -15.48 34.88
CA THR C 12 -2.11 -14.81 35.44
C THR C 12 -2.56 -13.72 36.41
N SER C 13 -2.11 -13.83 37.65
CA SER C 13 -2.39 -12.77 38.61
C SER C 13 -1.63 -11.50 38.20
N PRO C 14 -2.12 -10.33 38.60
CA PRO C 14 -1.49 -9.08 38.14
C PRO C 14 -0.01 -9.04 38.47
N GLY C 15 0.79 -8.66 37.48
CA GLY C 15 2.21 -8.54 37.63
C GLY C 15 3.00 -9.78 37.24
N GLU C 16 2.35 -10.93 37.17
CA GLU C 16 3.01 -12.19 36.87
C GLU C 16 2.81 -12.51 35.39
N THR C 17 3.88 -12.96 34.73
CA THR C 17 3.85 -13.23 33.30
C THR C 17 3.55 -14.71 33.05
N VAL C 18 2.83 -14.97 31.97
CA VAL C 18 2.48 -16.32 31.54
C VAL C 18 2.81 -16.49 30.08
N THR C 19 3.08 -17.72 29.68
CA THR C 19 3.35 -18.07 28.30
C THR C 19 2.30 -19.05 27.80
N LEU C 20 1.69 -18.73 26.66
CA LEU C 20 0.76 -19.61 25.96
C LEU C 20 1.40 -20.05 24.65
N THR C 21 1.36 -21.36 24.40
CA THR C 21 2.05 -21.95 23.25
C THR C 21 1.05 -22.39 22.20
N CYS C 22 1.31 -21.99 20.95
CA CYS C 22 0.53 -22.46 19.82
C CYS C 22 1.46 -23.29 18.93
N ARG C 23 1.03 -24.51 18.61
CA ARG C 23 1.87 -25.46 17.90
C ARG C 23 1.17 -25.96 16.65
N SER C 24 1.97 -26.20 15.61
CA SER C 24 1.48 -26.61 14.31
C SER C 24 1.43 -28.13 14.19
N SER C 25 1.07 -28.61 13.01
CA SER C 25 1.10 -30.02 12.67
C SER C 25 2.29 -30.39 11.79
N THR C 26 3.21 -29.47 11.56
CA THR C 26 4.43 -29.74 10.81
C THR C 26 5.65 -29.81 11.73
N GLY C 27 5.44 -30.21 12.97
CA GLY C 27 6.51 -30.20 13.93
C GLY C 27 6.69 -28.82 14.53
N ALA C 28 7.91 -28.55 14.97
CA ALA C 28 8.23 -27.21 15.45
C ALA C 28 7.97 -26.19 14.37
N VAL C 29 7.38 -25.05 14.76
CA VAL C 29 6.99 -24.04 13.80
C VAL C 29 8.23 -23.40 13.18
N THR C 30 8.21 -23.22 11.88
CA THR C 30 9.32 -22.62 11.17
C THR C 30 9.20 -21.10 11.21
N THR C 31 10.31 -20.42 10.92
CA THR C 31 10.26 -18.97 10.77
C THR C 31 9.39 -18.56 9.59
N SER C 32 9.33 -19.40 8.55
CA SER C 32 8.50 -19.07 7.39
C SER C 32 7.03 -18.95 7.78
N ASN C 33 6.56 -19.81 8.67
CA ASN C 33 5.19 -19.69 9.17
C ASN C 33 5.18 -18.51 10.15
N TYR C 34 4.97 -17.32 9.61
CA TYR C 34 4.97 -16.11 10.43
C TYR C 34 3.89 -16.21 11.49
N ALA C 35 4.27 -15.86 12.72
CA ALA C 35 3.37 -15.97 13.86
C ALA C 35 2.57 -14.68 14.05
N ASN C 36 1.28 -14.83 14.31
CA ASN C 36 0.41 -13.70 14.57
C ASN C 36 -0.34 -13.87 15.87
N TRP C 37 -0.50 -12.77 16.59
CA TRP C 37 -1.27 -12.75 17.82
C TRP C 37 -2.31 -11.65 17.73
N VAL C 38 -3.57 -12.00 17.99
CA VAL C 38 -4.69 -11.07 17.90
C VAL C 38 -5.42 -11.08 19.23
N GLN C 39 -6.05 -9.96 19.55
CA GLN C 39 -6.68 -9.75 20.85
C GLN C 39 -8.17 -9.56 20.66
N GLU C 40 -8.96 -10.25 21.47
CA GLU C 40 -10.42 -10.23 21.38
C GLU C 40 -10.98 -9.46 22.56
N LYS C 41 -11.65 -8.36 22.27
CA LYS C 41 -12.39 -7.66 23.31
C LYS C 41 -13.72 -8.36 23.54
N PRO C 42 -14.24 -8.33 24.77
CA PRO C 42 -15.53 -8.99 25.03
C PRO C 42 -16.73 -8.39 24.31
N ASP C 43 -16.55 -7.29 23.56
CA ASP C 43 -17.63 -6.71 22.78
C ASP C 43 -17.47 -6.94 21.29
N HIS C 44 -16.79 -8.04 20.92
CA HIS C 44 -16.53 -8.38 19.52
C HIS C 44 -15.70 -7.30 18.84
N LEU C 45 -14.59 -6.95 19.47
CA LEU C 45 -13.60 -6.04 18.88
C LEU C 45 -12.28 -6.77 18.77
N PHE C 46 -11.63 -6.67 17.61
CA PHE C 46 -10.39 -7.38 17.35
C PHE C 46 -9.27 -6.40 17.04
N THR C 47 -8.05 -6.80 17.37
CA THR C 47 -6.87 -6.04 17.03
C THR C 47 -5.70 -7.01 16.89
N GLY C 48 -4.65 -6.55 16.22
CA GLY C 48 -3.48 -7.37 15.95
C GLY C 48 -2.33 -6.95 16.85
N LEU C 49 -1.72 -7.94 17.50
CA LEU C 49 -0.68 -7.70 18.49
C LEU C 49 0.72 -7.94 17.95
N ILE C 50 0.97 -9.13 17.40
CA ILE C 50 2.31 -9.52 16.96
C ILE C 50 2.22 -10.09 15.55
N GLY C 51 3.17 -9.70 14.71
CA GLY C 51 3.27 -10.27 13.38
C GLY C 51 4.72 -10.54 13.04
N GLY C 52 4.92 -11.46 12.09
CA GLY C 52 6.27 -11.84 11.73
C GLY C 52 7.05 -12.47 12.85
N THR C 53 6.36 -12.98 13.87
CA THR C 53 6.92 -13.72 15.01
C THR C 53 7.67 -12.80 15.97
N ASN C 54 7.92 -11.56 15.58
CA ASN C 54 8.61 -10.64 16.49
C ASN C 54 8.09 -9.22 16.47
N ASN C 55 7.28 -8.81 15.52
CA ASN C 55 6.98 -7.41 15.29
C ASN C 55 5.69 -7.03 16.00
N ARG C 56 5.74 -6.02 16.86
CA ARG C 56 4.54 -5.45 17.44
C ARG C 56 3.82 -4.59 16.42
N ALA C 57 2.50 -4.59 16.49
CA ALA C 57 1.73 -3.70 15.65
C ALA C 57 1.94 -2.26 16.09
N PRO C 58 1.80 -1.30 15.18
CA PRO C 58 1.91 0.10 15.59
C PRO C 58 0.82 0.48 16.58
N GLY C 59 1.21 1.17 17.63
CA GLY C 59 0.25 1.63 18.62
C GLY C 59 -0.13 0.63 19.68
N VAL C 60 0.56 -0.51 19.75
CA VAL C 60 0.31 -1.47 20.83
C VAL C 60 1.38 -1.22 21.88
N PRO C 61 1.05 -1.26 23.18
CA PRO C 61 2.05 -0.93 24.20
C PRO C 61 3.24 -1.87 24.16
N ALA C 62 4.41 -1.33 24.53
CA ALA C 62 5.62 -2.13 24.57
C ALA C 62 5.59 -3.21 25.64
N ARG C 63 4.61 -3.15 26.55
CA ARG C 63 4.45 -4.22 27.52
C ARG C 63 4.26 -5.56 26.85
N PHE C 64 3.70 -5.57 25.65
CA PHE C 64 3.49 -6.81 24.90
C PHE C 64 4.76 -7.18 24.16
N SER C 65 5.13 -8.45 24.24
CA SER C 65 6.38 -8.89 23.63
C SER C 65 6.34 -10.40 23.47
N GLY C 66 6.82 -10.87 22.33
CA GLY C 66 6.75 -12.29 22.00
C GLY C 66 7.84 -12.64 21.03
N SER C 67 8.07 -13.94 20.89
CA SER C 67 9.06 -14.50 19.97
C SER C 67 8.90 -16.01 19.98
N LEU C 68 9.80 -16.70 19.31
CA LEU C 68 9.84 -18.16 19.37
C LEU C 68 10.75 -18.56 20.54
N ILE C 69 10.24 -18.29 21.75
CA ILE C 69 10.98 -18.59 22.97
C ILE C 69 11.11 -20.09 23.16
N GLY C 70 10.06 -20.84 22.83
CA GLY C 70 10.12 -22.28 22.79
C GLY C 70 10.02 -22.72 21.34
N ASP C 71 10.20 -24.02 21.11
CA ASP C 71 10.24 -24.50 19.73
C ASP C 71 8.93 -24.21 19.01
N LYS C 72 7.80 -24.43 19.69
CA LYS C 72 6.53 -23.95 19.21
C LYS C 72 6.37 -22.46 19.53
N ALA C 73 5.54 -21.78 18.74
CA ALA C 73 5.36 -20.35 18.93
C ALA C 73 4.67 -20.07 20.26
N ALA C 74 5.06 -18.97 20.90
CA ALA C 74 4.43 -18.58 22.16
C ALA C 74 4.49 -17.07 22.35
N LEU C 75 3.70 -16.58 23.32
CA LEU C 75 3.59 -15.16 23.60
C LEU C 75 3.58 -14.96 25.12
N THR C 76 4.11 -13.81 25.55
CA THR C 76 4.24 -13.44 26.95
C THR C 76 3.75 -12.03 27.19
N ILE C 77 3.30 -11.77 28.43
CA ILE C 77 2.81 -10.47 28.84
C ILE C 77 2.99 -10.30 30.35
N THR C 78 3.41 -9.09 30.74
CA THR C 78 3.39 -8.68 32.14
C THR C 78 1.96 -8.31 32.53
N GLY C 79 1.63 -8.55 33.80
CA GLY C 79 0.25 -8.48 34.23
C GLY C 79 -0.33 -7.10 34.44
N ALA C 80 -1.28 -6.73 33.59
CA ALA C 80 -2.10 -5.53 33.76
C ALA C 80 -3.56 -5.95 33.66
N GLN C 81 -4.23 -6.02 34.81
CA GLN C 81 -5.50 -6.74 34.90
C GLN C 81 -6.60 -6.07 34.09
N THR C 82 -6.71 -4.75 34.15
CA THR C 82 -7.88 -4.08 33.59
C THR C 82 -7.99 -4.25 32.07
N GLU C 83 -6.87 -4.13 31.34
CA GLU C 83 -6.91 -4.15 29.89
C GLU C 83 -6.50 -5.47 29.25
N ASP C 84 -6.14 -6.49 30.03
CA ASP C 84 -5.65 -7.73 29.46
C ASP C 84 -6.65 -8.88 29.55
N GLU C 85 -7.88 -8.63 29.99
CA GLU C 85 -8.91 -9.67 29.96
C GLU C 85 -9.36 -9.84 28.52
N ALA C 86 -8.84 -10.86 27.84
CA ALA C 86 -9.09 -11.00 26.41
C ALA C 86 -8.85 -12.44 25.97
N ILE C 87 -9.34 -12.74 24.77
CA ILE C 87 -9.10 -14.01 24.10
C ILE C 87 -8.01 -13.78 23.06
N TYR C 88 -7.16 -14.78 22.86
CA TYR C 88 -6.04 -14.61 21.95
C TYR C 88 -5.92 -15.80 21.00
N PHE C 89 -5.70 -15.51 19.72
CA PHE C 89 -5.60 -16.53 18.68
C PHE C 89 -4.25 -16.44 17.97
N CYS C 90 -3.67 -17.60 17.69
CA CYS C 90 -2.40 -17.71 17.00
C CYS C 90 -2.68 -18.07 15.55
N ALA C 91 -1.93 -17.45 14.63
CA ALA C 91 -2.09 -17.75 13.21
C ALA C 91 -0.76 -18.06 12.58
N LEU C 92 -0.73 -19.05 11.71
CA LEU C 92 0.48 -19.52 11.06
C LEU C 92 0.29 -19.48 9.54
N TRP C 93 1.29 -18.92 8.84
CA TRP C 93 1.23 -18.81 7.38
C TRP C 93 1.85 -20.06 6.78
N TYR C 94 1.02 -21.05 6.51
CA TYR C 94 1.40 -22.03 5.51
C TYR C 94 1.45 -21.34 4.16
N ASN C 95 2.31 -21.85 3.27
CA ASN C 95 2.46 -21.23 1.95
C ASN C 95 1.14 -21.18 1.21
N ASN C 96 0.27 -22.18 1.40
CA ASN C 96 -1.02 -22.17 0.73
C ASN C 96 -2.03 -21.24 1.39
N HIS C 97 -2.08 -21.20 2.73
CA HIS C 97 -3.12 -20.44 3.39
C HIS C 97 -2.74 -20.14 4.84
N TRP C 98 -3.51 -19.24 5.46
CA TRP C 98 -3.41 -18.93 6.88
C TRP C 98 -4.30 -19.87 7.68
N VAL C 99 -3.79 -20.37 8.79
CA VAL C 99 -4.58 -21.19 9.70
C VAL C 99 -4.63 -20.54 11.08
N PHE C 100 -5.83 -20.53 11.67
CA PHE C 100 -6.08 -19.91 12.97
C PHE C 100 -6.34 -20.99 14.02
N GLY C 101 -5.74 -20.82 15.18
CA GLY C 101 -5.97 -21.74 16.27
C GLY C 101 -7.29 -21.50 16.97
N GLY C 102 -7.60 -22.41 17.89
CA GLY C 102 -8.84 -22.31 18.64
C GLY C 102 -8.92 -21.04 19.47
N GLY C 103 -7.80 -20.65 20.04
CA GLY C 103 -7.76 -19.45 20.87
C GLY C 103 -7.72 -19.81 22.34
N THR C 104 -7.07 -18.94 23.11
CA THR C 104 -6.87 -19.16 24.54
C THR C 104 -7.60 -18.08 25.32
N LYS C 105 -8.40 -18.49 26.29
CA LYS C 105 -9.15 -17.57 27.14
C LYS C 105 -8.26 -17.17 28.31
N LEU C 106 -7.88 -15.89 28.36
CA LEU C 106 -7.12 -15.38 29.50
C LEU C 106 -8.08 -14.87 30.57
N THR C 107 -7.86 -15.34 31.80
CA THR C 107 -8.68 -14.95 32.96
C THR C 107 -7.71 -14.54 34.07
N VAL C 108 -7.31 -13.27 34.07
CA VAL C 108 -6.37 -12.80 35.09
C VAL C 108 -7.07 -12.76 36.45
N LEU C 109 -6.34 -13.21 37.48
CA LEU C 109 -6.86 -13.37 38.85
C LEU C 109 -8.28 -13.93 38.89
C1 NAG D . -1.77 29.51 -15.88
C2 NAG D . -1.61 30.52 -17.04
C3 NAG D . -1.21 31.89 -16.50
C4 NAG D . -2.14 32.34 -15.38
C5 NAG D . -2.20 31.26 -14.30
C6 NAG D . -3.14 31.60 -13.18
C7 NAG D . 0.66 29.84 -17.74
C8 NAG D . 1.49 29.36 -18.90
N2 NAG D . -0.64 30.05 -18.01
O3 NAG D . -1.26 32.84 -17.56
O4 NAG D . -1.68 33.55 -14.79
O5 NAG D . -2.66 30.04 -14.89
O6 NAG D . -3.23 33.01 -12.98
O7 NAG D . 1.14 30.01 -16.63
#